data_8IWE
#
_entry.id   8IWE
#
loop_
_entity.id
_entity.type
_entity.pdbx_description
1 polymer 'Trace amine-associated receptor 9'
2 non-polymer SPERMIDINE
#
_entity_poly.entity_id   1
_entity_poly.type   'polypeptide(L)'
_entity_poly.pdbx_seq_one_letter_code
;MTSDFSPEPPMELCYENVNGSCIKSSYAPWPRAILYGVLGLGALLAVFGNLLVIIAILHFKQLHTPTNFLVASLACADFL
VGVTVMPFSTVRSVESCWYFGESYCKFHTCFDTSFCFASLFHLCCISIDRYIAVTDPLTYPTKFTVSVSGLCIALSWFFS
VTYSFSIFYTGANEEGIEELVVALTCVGGCQAPLNQNWVLLCFLLFFLPTVVMVFLYGRIFLVAKYQARKIEGTANQAQA
SSESYKERVAKRERKAAKTLGIAMAAFLVSWLPYIIDAVIDAYMNFITPAYVYEILVWCVYYNSAMNPLIYAFFYPWFRK
AIKLIVSGKVFRADSSTTNLFSEEAGAG
;
_entity_poly.pdbx_strand_id   R
#
loop_
_chem_comp.id
_chem_comp.type
_chem_comp.name
_chem_comp.formula
SPD non-polymer SPERMIDINE 'C7 H19 N3'
#
# COMPACT_ATOMS: atom_id res chain seq x y z
N CYS A 22 -22.75 9.02 -21.80
CA CYS A 22 -22.54 8.70 -23.21
C CYS A 22 -23.12 7.33 -23.55
N ILE A 23 -23.96 6.82 -22.66
CA ILE A 23 -24.63 5.52 -22.83
C ILE A 23 -23.66 4.38 -23.06
N LYS A 24 -22.54 4.38 -22.33
CA LYS A 24 -21.51 3.36 -22.47
C LYS A 24 -22.05 1.99 -22.07
N SER A 25 -21.61 0.95 -22.77
CA SER A 25 -22.05 -0.41 -22.49
C SER A 25 -21.96 -0.80 -21.02
N SER A 26 -23.10 -1.14 -20.44
CA SER A 26 -23.22 -1.54 -19.05
C SER A 26 -22.19 -2.59 -18.68
N TYR A 27 -21.98 -3.55 -19.58
CA TYR A 27 -21.02 -4.64 -19.40
C TYR A 27 -21.25 -5.42 -18.11
N ALA A 28 -22.51 -5.70 -17.81
CA ALA A 28 -22.88 -6.44 -16.60
C ALA A 28 -22.40 -7.89 -16.65
N PRO A 29 -21.90 -8.40 -15.51
CA PRO A 29 -21.41 -9.77 -15.37
C PRO A 29 -22.51 -10.78 -15.14
N TRP A 30 -22.13 -12.03 -14.92
CA TRP A 30 -23.06 -13.12 -14.66
C TRP A 30 -23.65 -12.98 -13.27
N PRO A 31 -24.75 -13.67 -12.95
CA PRO A 31 -25.33 -13.54 -11.61
C PRO A 31 -24.43 -14.00 -10.48
N ARG A 32 -23.20 -14.42 -10.80
CA ARG A 32 -22.24 -14.79 -9.78
C ARG A 32 -21.58 -13.48 -9.34
N ALA A 33 -22.29 -12.74 -8.50
CA ALA A 33 -21.88 -11.43 -8.00
C ALA A 33 -21.23 -11.52 -6.63
N ILE A 34 -20.48 -12.59 -6.41
CA ILE A 34 -19.74 -12.81 -5.17
C ILE A 34 -18.71 -11.69 -5.00
N LEU A 35 -18.39 -11.00 -6.11
CA LEU A 35 -17.40 -9.92 -6.06
C LEU A 35 -17.72 -8.89 -5.00
N TYR A 36 -19.00 -8.54 -4.83
CA TYR A 36 -19.39 -7.62 -3.75
C TYR A 36 -18.97 -8.14 -2.39
N GLY A 37 -19.04 -9.45 -2.18
CA GLY A 37 -18.68 -10.03 -0.89
C GLY A 37 -17.21 -10.36 -0.80
N VAL A 38 -16.44 -9.90 -1.78
CA VAL A 38 -14.99 -10.12 -1.79
C VAL A 38 -14.31 -8.77 -1.85
N LEU A 39 -15.02 -7.77 -2.39
CA LEU A 39 -14.48 -6.42 -2.50
C LEU A 39 -14.88 -5.53 -1.33
N GLY A 40 -16.09 -5.66 -0.81
CA GLY A 40 -16.54 -4.80 0.26
C GLY A 40 -15.94 -5.16 1.60
N LEU A 41 -15.65 -6.45 1.77
CA LEU A 41 -15.00 -6.90 3.00
C LEU A 41 -13.64 -6.25 3.17
N GLY A 42 -12.92 -6.05 2.06
CA GLY A 42 -11.65 -5.33 2.13
C GLY A 42 -11.81 -3.91 2.63
N ALA A 43 -12.85 -3.22 2.16
CA ALA A 43 -13.12 -1.86 2.64
C ALA A 43 -13.48 -1.87 4.12
N LEU A 44 -14.32 -2.82 4.54
CA LEU A 44 -14.69 -2.91 5.95
C LEU A 44 -13.47 -3.15 6.83
N LEU A 45 -12.57 -4.04 6.39
CA LEU A 45 -11.35 -4.27 7.14
C LEU A 45 -10.48 -3.02 7.18
N ALA A 46 -10.18 -2.44 6.01
CA ALA A 46 -9.31 -1.29 5.93
C ALA A 46 -9.87 -0.06 6.64
N VAL A 47 -11.16 -0.04 6.94
CA VAL A 47 -11.72 1.03 7.75
C VAL A 47 -11.67 0.69 9.24
N PHE A 48 -12.31 -0.43 9.63
CA PHE A 48 -12.47 -0.72 11.05
C PHE A 48 -11.15 -1.12 11.71
N GLY A 49 -10.42 -2.07 11.11
CA GLY A 49 -9.17 -2.51 11.71
C GLY A 49 -8.08 -1.47 11.66
N ASN A 50 -8.25 -0.42 10.86
CA ASN A 50 -7.29 0.68 10.83
C ASN A 50 -7.66 1.78 11.82
N LEU A 51 -8.95 2.11 11.92
CA LEU A 51 -9.39 3.02 12.96
C LEU A 51 -9.17 2.44 14.36
N LEU A 52 -9.17 1.12 14.50
CA LEU A 52 -8.83 0.49 15.77
C LEU A 52 -7.34 0.54 16.06
N VAL A 53 -6.51 0.72 15.04
CA VAL A 53 -5.07 0.88 15.25
C VAL A 53 -4.68 2.31 15.54
N ILE A 54 -5.32 3.29 14.89
CA ILE A 54 -5.04 4.69 15.17
C ILE A 54 -5.44 5.11 16.58
N ILE A 55 -6.25 4.31 17.27
CA ILE A 55 -6.71 4.63 18.62
C ILE A 55 -5.74 4.06 19.64
N ALA A 56 -5.21 2.87 19.36
CA ALA A 56 -4.28 2.22 20.28
C ALA A 56 -2.96 2.95 20.42
N ILE A 57 -2.58 3.77 19.42
CA ILE A 57 -1.34 4.54 19.49
C ILE A 57 -1.54 5.89 20.17
N LEU A 58 -2.78 6.34 20.29
CA LEU A 58 -3.07 7.64 20.90
C LEU A 58 -3.52 7.51 22.35
N HIS A 59 -4.40 6.54 22.64
CA HIS A 59 -4.90 6.39 24.00
C HIS A 59 -3.79 5.97 24.96
N PHE A 60 -3.19 4.82 24.70
CA PHE A 60 -2.16 4.29 25.59
C PHE A 60 -0.91 5.17 25.54
N LYS A 61 -0.31 5.39 26.71
CA LYS A 61 0.89 6.21 26.84
C LYS A 61 2.16 5.37 26.77
N GLN A 62 2.05 4.06 26.54
CA GLN A 62 3.21 3.19 26.39
C GLN A 62 3.63 3.02 24.95
N LEU A 63 2.72 3.24 23.99
CA LEU A 63 3.00 3.08 22.57
C LEU A 63 3.36 4.40 21.90
N HIS A 64 3.96 5.33 22.64
CA HIS A 64 4.36 6.64 22.11
C HIS A 64 5.81 6.65 21.66
N THR A 65 6.32 5.50 21.23
CA THR A 65 7.70 5.38 20.79
C THR A 65 7.88 6.05 19.44
N PRO A 66 9.09 6.51 19.13
CA PRO A 66 9.32 7.16 17.83
C PRO A 66 9.11 6.25 16.64
N THR A 67 9.17 4.93 16.82
CA THR A 67 8.94 4.00 15.73
C THR A 67 7.48 3.66 15.51
N ASN A 68 6.60 4.04 16.44
CA ASN A 68 5.16 3.81 16.29
C ASN A 68 4.45 4.97 15.60
N PHE A 69 5.04 6.15 15.58
CA PHE A 69 4.46 7.28 14.86
C PHE A 69 4.39 7.03 13.36
N LEU A 70 5.37 6.31 12.83
CA LEU A 70 5.40 5.95 11.43
C LEU A 70 4.22 5.04 11.15
N VAL A 71 4.02 4.03 11.99
CA VAL A 71 2.92 3.10 11.85
C VAL A 71 1.58 3.83 11.93
N ALA A 72 1.46 4.78 12.86
CA ALA A 72 0.22 5.55 12.97
C ALA A 72 -0.03 6.37 11.71
N SER A 73 1.01 7.00 11.16
CA SER A 73 0.85 7.78 9.94
C SER A 73 0.44 6.89 8.77
N LEU A 74 1.06 5.71 8.65
CA LEU A 74 0.66 4.77 7.61
C LEU A 74 -0.79 4.34 7.79
N ALA A 75 -1.19 4.10 9.04
CA ALA A 75 -2.56 3.70 9.32
C ALA A 75 -3.55 4.79 8.90
N CYS A 76 -3.21 6.05 9.19
CA CYS A 76 -4.09 7.15 8.78
C CYS A 76 -4.16 7.27 7.26
N ALA A 77 -3.01 7.17 6.59
CA ALA A 77 -3.00 7.26 5.13
C ALA A 77 -3.78 6.12 4.49
N ASP A 78 -3.79 4.94 5.10
CA ASP A 78 -4.54 3.81 4.59
C ASP A 78 -6.03 3.93 4.89
N PHE A 79 -6.38 4.45 6.07
CA PHE A 79 -7.78 4.69 6.40
C PHE A 79 -8.38 5.75 5.48
N LEU A 80 -7.58 6.72 5.03
CA LEU A 80 -8.06 7.69 4.06
C LEU A 80 -8.52 6.99 2.78
N VAL A 81 -7.70 6.05 2.27
CA VAL A 81 -8.11 5.26 1.11
C VAL A 81 -9.39 4.52 1.42
N GLY A 82 -9.41 3.79 2.55
CA GLY A 82 -10.56 2.96 2.86
C GLY A 82 -11.85 3.73 3.02
N VAL A 83 -11.76 5.00 3.42
CA VAL A 83 -12.96 5.79 3.65
C VAL A 83 -13.35 6.67 2.46
N THR A 84 -12.42 6.96 1.54
CA THR A 84 -12.76 7.79 0.39
C THR A 84 -12.87 7.01 -0.91
N VAL A 85 -11.83 6.25 -1.27
CA VAL A 85 -11.72 5.74 -2.63
C VAL A 85 -12.37 4.37 -2.76
N MET A 86 -12.13 3.53 -1.76
CA MET A 86 -12.60 2.15 -1.74
C MET A 86 -14.00 1.82 -2.25
N PRO A 87 -15.04 2.41 -1.65
CA PRO A 87 -16.41 2.05 -2.05
C PRO A 87 -16.76 2.48 -3.47
N PHE A 88 -16.37 3.70 -3.85
CA PHE A 88 -16.61 4.16 -5.21
C PHE A 88 -15.86 3.30 -6.21
N SER A 89 -14.62 2.91 -5.87
CA SER A 89 -13.88 2.00 -6.74
C SER A 89 -14.58 0.66 -6.86
N THR A 90 -15.14 0.15 -5.76
CA THR A 90 -15.88 -1.11 -5.81
C THR A 90 -17.07 -1.00 -6.77
N VAL A 91 -17.84 0.08 -6.64
CA VAL A 91 -19.01 0.26 -7.49
C VAL A 91 -18.59 0.38 -8.96
N ARG A 92 -17.55 1.17 -9.23
CA ARG A 92 -17.08 1.36 -10.59
C ARG A 92 -16.58 0.05 -11.19
N SER A 93 -15.85 -0.74 -10.40
CA SER A 93 -15.31 -1.99 -10.93
C SER A 93 -16.41 -3.01 -11.20
N VAL A 94 -17.38 -3.22 -10.34
CA VAL A 94 -18.39 -4.23 -10.64
C VAL A 94 -19.41 -3.78 -11.65
N GLU A 95 -19.81 -2.53 -11.59
CA GLU A 95 -20.79 -2.05 -12.57
C GLU A 95 -20.29 -1.47 -13.86
N SER A 96 -18.99 -1.18 -13.91
CA SER A 96 -18.28 -0.63 -15.07
C SER A 96 -18.83 0.71 -15.54
N CYS A 97 -19.88 1.17 -14.88
CA CYS A 97 -20.48 2.46 -15.19
C CYS A 97 -20.35 3.33 -13.95
N TRP A 98 -19.68 4.46 -14.12
CA TRP A 98 -19.42 5.38 -13.00
C TRP A 98 -20.58 6.33 -12.70
N TYR A 99 -21.54 5.91 -11.90
CA TYR A 99 -22.66 6.81 -11.55
C TYR A 99 -22.43 7.71 -10.32
N PHE A 100 -21.54 8.68 -10.39
CA PHE A 100 -21.27 9.59 -9.29
C PHE A 100 -21.00 11.02 -9.75
N GLY A 101 -21.14 11.31 -11.02
CA GLY A 101 -20.88 12.64 -11.53
C GLY A 101 -19.49 12.76 -12.13
N GLU A 102 -19.36 13.63 -13.13
CA GLU A 102 -18.09 13.83 -13.80
C GLU A 102 -17.17 14.79 -13.05
N SER A 103 -17.66 15.42 -11.99
CA SER A 103 -16.85 16.34 -11.20
C SER A 103 -15.82 15.63 -10.33
N TYR A 104 -16.24 14.54 -9.70
CA TYR A 104 -15.39 13.75 -8.81
C TYR A 104 -14.19 13.09 -9.50
N CYS A 105 -14.39 12.58 -10.71
CA CYS A 105 -13.34 11.92 -11.49
C CYS A 105 -11.98 12.64 -11.47
N LYS A 106 -12.00 13.96 -11.33
CA LYS A 106 -10.75 14.70 -11.22
C LYS A 106 -10.13 14.62 -9.82
N PHE A 107 -10.94 14.40 -8.80
CA PHE A 107 -10.44 14.30 -7.43
C PHE A 107 -10.19 12.85 -7.02
N HIS A 108 -11.06 11.93 -7.43
CA HIS A 108 -10.89 10.54 -7.06
C HIS A 108 -9.60 9.96 -7.61
N THR A 109 -9.25 10.30 -8.85
CA THR A 109 -8.01 9.83 -9.44
C THR A 109 -6.78 10.49 -8.81
N CYS A 110 -6.96 11.55 -8.02
CA CYS A 110 -5.85 12.23 -7.35
C CYS A 110 -5.73 11.84 -5.89
N PHE A 111 -6.65 11.03 -5.36
CA PHE A 111 -6.56 10.61 -3.96
C PHE A 111 -5.70 9.37 -3.81
N ASP A 112 -6.06 8.31 -4.54
CA ASP A 112 -5.34 7.04 -4.48
C ASP A 112 -3.92 7.14 -5.04
N THR A 113 -3.72 7.98 -6.04
CA THR A 113 -2.40 8.19 -6.63
C THR A 113 -1.41 8.74 -5.62
N SER A 114 -1.88 9.55 -4.67
CA SER A 114 -1.03 10.06 -3.62
C SER A 114 -0.96 9.12 -2.42
N PHE A 115 -2.10 8.57 -2.01
CA PHE A 115 -2.14 7.79 -0.78
C PHE A 115 -1.34 6.49 -0.90
N CYS A 116 -1.46 5.80 -2.04
CA CYS A 116 -0.74 4.54 -2.21
C CYS A 116 0.77 4.77 -2.20
N PHE A 117 1.24 5.81 -2.89
CA PHE A 117 2.67 6.11 -2.90
C PHE A 117 3.16 6.56 -1.54
N ALA A 118 2.32 7.30 -0.79
CA ALA A 118 2.68 7.64 0.58
C ALA A 118 2.82 6.39 1.44
N SER A 119 1.92 5.43 1.26
CA SER A 119 2.04 4.17 1.98
C SER A 119 3.31 3.42 1.61
N LEU A 120 3.66 3.43 0.32
CA LEU A 120 4.89 2.77 -0.12
C LEU A 120 6.13 3.40 0.53
N PHE A 121 6.19 4.73 0.54
CA PHE A 121 7.33 5.40 1.16
C PHE A 121 7.34 5.20 2.67
N HIS A 122 6.16 5.11 3.30
CA HIS A 122 6.10 4.79 4.71
C HIS A 122 6.66 3.39 4.97
N LEU A 123 6.35 2.43 4.11
CA LEU A 123 6.94 1.11 4.22
C LEU A 123 8.46 1.17 4.06
N CYS A 124 8.93 2.02 3.16
CA CYS A 124 10.37 2.17 2.97
C CYS A 124 11.05 2.67 4.25
N CYS A 125 10.51 3.73 4.86
CA CYS A 125 11.08 4.19 6.12
C CYS A 125 10.92 3.18 7.24
N ILE A 126 9.83 2.40 7.25
CA ILE A 126 9.70 1.36 8.27
C ILE A 126 10.82 0.33 8.12
N SER A 127 11.09 -0.08 6.89
CA SER A 127 12.19 -1.02 6.66
C SER A 127 13.53 -0.43 7.07
N ILE A 128 13.73 0.85 6.77
CA ILE A 128 14.97 1.51 7.14
C ILE A 128 15.14 1.55 8.65
N ASP A 129 14.05 1.83 9.35
CA ASP A 129 14.05 1.89 10.80
C ASP A 129 14.38 0.51 11.38
N ARG A 130 13.73 -0.52 10.84
CA ARG A 130 13.99 -1.87 11.33
C ARG A 130 15.44 -2.29 11.11
N TYR A 131 15.99 -1.96 9.94
CA TYR A 131 17.39 -2.28 9.66
C TYR A 131 18.32 -1.55 10.62
N ILE A 132 18.04 -0.28 10.89
CA ILE A 132 18.87 0.49 11.83
C ILE A 132 18.80 -0.12 13.21
N ALA A 133 17.60 -0.50 13.64
CA ALA A 133 17.44 -1.08 14.98
C ALA A 133 18.16 -2.41 15.10
N VAL A 134 18.10 -3.25 14.08
CA VAL A 134 18.68 -4.58 14.18
C VAL A 134 20.20 -4.54 14.01
N THR A 135 20.68 -3.87 12.96
CA THR A 135 22.11 -3.88 12.66
C THR A 135 22.90 -3.11 13.73
N ASP A 136 22.37 -1.97 14.17
CA ASP A 136 23.05 -1.07 15.11
C ASP A 136 22.17 -0.96 16.36
N PRO A 137 22.33 -1.87 17.32
CA PRO A 137 21.42 -1.89 18.47
C PRO A 137 21.83 -0.95 19.59
N LEU A 138 23.13 -0.64 19.69
CA LEU A 138 23.61 0.15 20.82
C LEU A 138 23.18 1.61 20.70
N THR A 139 23.65 2.30 19.66
CA THR A 139 23.30 3.70 19.47
C THR A 139 22.06 3.87 18.60
N TYR A 140 21.00 3.14 18.95
CA TYR A 140 19.72 3.24 18.26
C TYR A 140 18.89 4.43 18.73
N PRO A 141 18.71 4.66 20.03
CA PRO A 141 17.83 5.77 20.46
C PRO A 141 18.29 7.13 19.97
N THR A 142 19.60 7.37 19.92
CA THR A 142 20.09 8.68 19.51
C THR A 142 20.00 8.89 18.00
N LYS A 143 20.16 7.82 17.21
CA LYS A 143 20.15 7.94 15.76
C LYS A 143 18.74 7.98 15.17
N PHE A 144 17.72 7.63 15.96
CA PHE A 144 16.34 7.58 15.44
C PHE A 144 15.41 8.11 16.53
N THR A 145 15.08 9.39 16.45
CA THR A 145 14.18 10.06 17.37
C THR A 145 12.87 10.41 16.69
N VAL A 146 12.02 11.14 17.40
CA VAL A 146 10.73 11.55 16.85
C VAL A 146 10.92 12.44 15.63
N SER A 147 12.00 13.23 15.62
CA SER A 147 12.23 14.15 14.51
C SER A 147 12.42 13.41 13.20
N VAL A 148 13.26 12.38 13.23
CA VAL A 148 13.53 11.59 12.05
C VAL A 148 12.23 10.92 11.68
N SER A 149 11.45 10.53 12.69
CA SER A 149 10.15 9.94 12.42
C SER A 149 9.29 11.01 11.77
N GLY A 150 9.33 12.24 12.28
CA GLY A 150 8.57 13.34 11.72
C GLY A 150 9.05 13.70 10.32
N LEU A 151 10.36 13.68 10.14
CA LEU A 151 10.98 13.98 8.85
C LEU A 151 10.60 12.96 7.80
N CYS A 152 10.52 11.70 8.19
CA CYS A 152 10.13 10.66 7.26
C CYS A 152 8.70 10.90 6.79
N ILE A 153 7.82 11.26 7.73
CA ILE A 153 6.42 11.57 7.40
C ILE A 153 6.21 12.82 6.52
N ALA A 154 6.99 13.86 6.77
CA ALA A 154 6.85 15.11 6.02
C ALA A 154 7.42 15.05 4.60
N LEU A 155 8.21 14.03 4.32
CA LEU A 155 8.80 13.82 3.00
C LEU A 155 7.93 12.92 2.14
N SER A 156 7.45 11.81 2.70
CA SER A 156 6.61 10.90 1.93
C SER A 156 5.32 11.59 1.50
N TRP A 157 4.65 12.28 2.43
CA TRP A 157 3.40 12.94 2.10
C TRP A 157 3.61 14.00 1.04
N PHE A 158 4.64 14.81 1.20
CA PHE A 158 4.96 15.84 0.25
C PHE A 158 5.18 15.18 -1.10
N PHE A 159 5.89 14.05 -1.08
CA PHE A 159 6.17 13.28 -2.29
C PHE A 159 4.96 12.69 -2.98
N SER A 160 3.99 12.22 -2.21
CA SER A 160 2.79 11.65 -2.78
C SER A 160 1.82 12.75 -3.21
N VAL A 161 2.04 13.97 -2.74
CA VAL A 161 1.15 15.08 -3.13
C VAL A 161 1.68 15.85 -4.33
N THR A 162 2.99 16.11 -4.40
CA THR A 162 3.55 16.86 -5.52
C THR A 162 3.74 16.01 -6.76
N TYR A 163 3.59 14.70 -6.68
CA TYR A 163 3.53 13.87 -7.88
C TYR A 163 2.11 13.68 -8.39
N SER A 164 1.19 13.28 -7.51
CA SER A 164 -0.18 13.00 -7.96
C SER A 164 -0.86 14.25 -8.51
N PHE A 165 -0.69 15.39 -7.84
CA PHE A 165 -1.33 16.61 -8.29
C PHE A 165 -0.68 17.14 -9.56
N SER A 166 0.64 17.09 -9.64
CA SER A 166 1.36 17.67 -10.76
C SER A 166 1.44 16.74 -11.98
N ILE A 167 0.94 15.51 -11.88
CA ILE A 167 1.00 14.61 -13.02
C ILE A 167 -0.42 14.24 -13.46
N PHE A 168 -1.37 14.25 -12.52
CA PHE A 168 -2.72 13.79 -12.81
C PHE A 168 -3.77 14.89 -12.81
N TYR A 169 -3.66 15.88 -11.92
CA TYR A 169 -4.66 16.94 -11.84
C TYR A 169 -4.55 17.93 -13.00
N THR A 170 -3.32 18.24 -13.40
CA THR A 170 -3.09 19.16 -14.50
C THR A 170 -3.37 18.50 -15.84
N GLY A 171 -3.77 17.22 -15.79
CA GLY A 171 -4.07 16.48 -17.00
C GLY A 171 -2.93 16.43 -18.00
N ALA A 172 -1.71 16.26 -17.50
CA ALA A 172 -0.53 16.20 -18.36
C ALA A 172 -0.12 14.76 -18.67
N ASN A 173 -1.04 13.82 -18.44
CA ASN A 173 -0.77 12.41 -18.69
C ASN A 173 -1.59 11.89 -19.87
N GLU A 174 -2.17 12.79 -20.65
CA GLU A 174 -3.05 12.41 -21.75
C GLU A 174 -2.70 13.24 -22.98
N GLU A 175 -1.40 13.49 -23.17
CA GLU A 175 -0.92 14.34 -24.26
C GLU A 175 -0.60 13.49 -25.49
N GLY A 176 -1.65 13.03 -26.14
CA GLY A 176 -1.50 12.27 -27.37
C GLY A 176 -2.33 11.02 -27.46
N ILE A 177 -2.54 10.35 -26.32
CA ILE A 177 -3.29 9.10 -26.33
C ILE A 177 -4.74 9.34 -25.90
N GLU A 178 -5.66 9.14 -26.82
CA GLU A 178 -7.09 9.17 -26.57
C GLU A 178 -7.81 8.11 -27.41
N GLU A 179 -7.13 6.98 -27.58
CA GLU A 179 -7.65 5.88 -28.39
C GLU A 179 -8.25 4.76 -27.56
N LEU A 180 -8.36 4.99 -26.26
CA LEU A 180 -8.91 3.98 -25.35
C LEU A 180 -10.40 4.22 -25.15
N VAL A 181 -11.19 3.91 -26.16
CA VAL A 181 -12.64 4.09 -26.09
C VAL A 181 -13.24 3.24 -24.98
N ALA A 183 -12.26 4.45 -21.98
CA ALA A 183 -13.40 5.30 -22.29
C ALA A 183 -13.19 6.72 -21.75
N LEU A 184 -12.00 7.25 -21.97
CA LEU A 184 -11.66 8.61 -21.53
C LEU A 184 -12.49 9.62 -22.32
N THR A 185 -12.66 9.38 -23.61
CA THR A 185 -13.45 10.30 -24.45
C THR A 185 -14.95 10.03 -24.36
N CYS A 186 -15.45 9.75 -23.16
CA CYS A 186 -16.86 9.48 -23.00
C CYS A 186 -17.42 10.27 -21.82
N VAL A 187 -18.63 9.90 -21.41
CA VAL A 187 -19.27 10.53 -20.26
C VAL A 187 -19.49 9.45 -19.21
N GLY A 188 -19.10 9.72 -17.97
CA GLY A 188 -19.24 8.74 -16.93
C GLY A 188 -18.11 7.72 -16.91
N GLY A 189 -17.04 8.02 -17.63
CA GLY A 189 -15.89 7.14 -17.66
C GLY A 189 -14.67 7.83 -17.06
N CYS A 190 -13.98 7.13 -16.17
CA CYS A 190 -12.79 7.67 -15.51
C CYS A 190 -11.70 6.59 -15.52
N GLN A 191 -10.47 6.99 -15.82
CA GLN A 191 -9.33 6.08 -15.93
C GLN A 191 -8.04 6.89 -15.79
N ALA A 192 -6.92 6.15 -15.77
CA ALA A 192 -5.58 6.75 -15.64
C ALA A 192 -4.66 6.16 -16.70
N PRO A 193 -4.87 6.51 -17.97
CA PRO A 193 -4.01 5.98 -19.03
C PRO A 193 -2.71 6.74 -19.17
N LEU A 194 -1.69 6.33 -18.41
CA LEU A 194 -0.39 6.98 -18.49
C LEU A 194 0.15 6.86 -19.91
N ASN A 195 0.79 7.92 -20.39
CA ASN A 195 1.32 7.94 -21.75
C ASN A 195 2.75 7.40 -21.74
N GLN A 196 3.45 7.57 -22.88
CA GLN A 196 4.79 7.02 -23.02
C GLN A 196 5.80 7.70 -22.12
N ASN A 197 5.68 9.02 -21.94
CA ASN A 197 6.73 9.77 -21.25
C ASN A 197 6.66 9.57 -19.74
N TRP A 198 5.47 9.69 -19.15
CA TRP A 198 5.34 9.66 -17.71
C TRP A 198 5.27 8.26 -17.12
N VAL A 199 5.10 7.22 -17.96
CA VAL A 199 5.07 5.87 -17.42
C VAL A 199 6.43 5.46 -16.87
N LEU A 200 7.52 5.95 -17.48
CA LEU A 200 8.85 5.67 -16.96
C LEU A 200 9.03 6.31 -15.59
N LEU A 201 8.49 7.51 -15.39
CA LEU A 201 8.58 8.17 -14.09
C LEU A 201 7.88 7.34 -13.01
N CYS A 202 6.68 6.85 -13.32
CA CYS A 202 5.96 6.02 -12.36
C CYS A 202 6.70 4.72 -12.09
N PHE A 203 7.26 4.12 -13.13
CA PHE A 203 7.99 2.86 -12.97
C PHE A 203 9.12 3.04 -11.96
N LEU A 204 9.87 4.13 -12.10
CA LEU A 204 10.97 4.42 -11.21
C LEU A 204 10.50 4.65 -9.77
N LEU A 205 9.39 5.35 -9.63
CA LEU A 205 8.86 5.64 -8.30
C LEU A 205 8.63 4.34 -7.53
N PHE A 206 7.90 3.41 -8.14
CA PHE A 206 7.65 2.13 -7.51
C PHE A 206 8.92 1.33 -7.31
N PHE A 207 9.83 1.41 -8.27
CA PHE A 207 11.07 0.64 -8.20
C PHE A 207 12.10 1.12 -7.19
N LEU A 208 12.34 2.43 -7.09
CA LEU A 208 13.35 2.92 -6.15
C LEU A 208 13.12 2.45 -4.71
N PRO A 209 11.92 2.54 -4.13
CA PRO A 209 11.75 2.11 -2.74
C PRO A 209 11.62 0.61 -2.55
N THR A 210 11.78 -0.20 -3.59
CA THR A 210 11.69 -1.64 -3.48
C THR A 210 13.06 -2.31 -3.34
N VAL A 211 14.05 -1.88 -4.12
CA VAL A 211 15.38 -2.47 -4.03
C VAL A 211 15.99 -2.23 -2.66
N VAL A 212 15.83 -1.02 -2.12
CA VAL A 212 16.36 -0.71 -0.80
C VAL A 212 15.72 -1.60 0.26
N MET A 213 14.39 -1.74 0.19
CA MET A 213 13.70 -2.57 1.17
C MET A 213 14.13 -4.03 1.10
N VAL A 214 14.25 -4.56 -0.13
CA VAL A 214 14.67 -5.95 -0.28
C VAL A 214 16.08 -6.15 0.25
N PHE A 215 16.99 -5.22 -0.06
CA PHE A 215 18.37 -5.34 0.40
C PHE A 215 18.44 -5.29 1.92
N LEU A 216 17.71 -4.36 2.53
CA LEU A 216 17.72 -4.24 3.99
C LEU A 216 17.14 -5.49 4.65
N TYR A 217 16.05 -6.03 4.11
CA TYR A 217 15.49 -7.25 4.68
C TYR A 217 16.42 -8.44 4.49
N GLY A 218 17.14 -8.50 3.37
CA GLY A 218 18.14 -9.55 3.20
C GLY A 218 19.25 -9.46 4.23
N ARG A 219 19.74 -8.24 4.49
CA ARG A 219 20.76 -8.06 5.52
C ARG A 219 20.23 -8.46 6.90
N ILE A 220 18.98 -8.08 7.19
CA ILE A 220 18.37 -8.45 8.47
C ILE A 220 18.28 -9.96 8.61
N PHE A 221 17.87 -10.65 7.54
CA PHE A 221 17.78 -12.10 7.57
C PHE A 221 19.15 -12.74 7.78
N LEU A 222 20.18 -12.19 7.12
CA LEU A 222 21.53 -12.71 7.32
C LEU A 222 21.98 -12.54 8.77
N VAL A 223 21.70 -11.39 9.36
CA VAL A 223 22.07 -11.15 10.76
C VAL A 223 21.32 -12.12 11.67
N ALA A 224 20.04 -12.35 11.39
CA ALA A 224 19.25 -13.29 12.20
C ALA A 224 19.80 -14.70 12.08
N LYS A 225 20.20 -15.11 10.87
CA LYS A 225 20.80 -16.43 10.69
C LYS A 225 22.11 -16.55 11.45
N TYR A 226 22.93 -15.49 11.43
CA TYR A 226 24.18 -15.52 12.17
C TYR A 226 23.94 -15.65 13.67
N GLN A 227 22.97 -14.90 14.20
CA GLN A 227 22.65 -15.00 15.62
C GLN A 227 22.11 -16.38 15.96
N ALA A 228 21.28 -16.97 15.10
CA ALA A 228 20.78 -18.31 15.35
C ALA A 228 21.92 -19.33 15.35
N ARG A 229 22.89 -19.15 14.45
CA ARG A 229 24.07 -20.01 14.45
C ARG A 229 24.86 -19.87 15.75
N LYS A 230 25.03 -18.63 16.23
CA LYS A 230 25.77 -18.40 17.46
C LYS A 230 25.06 -19.01 18.67
N ILE A 231 23.73 -18.91 18.72
CA ILE A 231 22.99 -19.33 19.90
C ILE A 231 23.16 -20.83 20.15
N GLU A 232 23.03 -21.62 19.09
CA GLU A 232 23.15 -23.07 19.21
C GLU A 232 24.62 -23.49 19.16
N GLY A 233 24.86 -24.73 19.57
CA GLY A 233 26.21 -25.28 19.58
C GLY A 233 26.77 -25.49 20.96
N TYR A 245 24.04 -28.40 15.38
CA TYR A 245 22.85 -29.23 15.29
C TYR A 245 21.85 -28.64 14.29
N LYS A 246 21.84 -29.21 13.09
CA LYS A 246 20.96 -28.75 12.02
C LYS A 246 19.48 -28.77 12.42
N GLU A 247 19.08 -29.81 13.13
CA GLU A 247 17.68 -29.94 13.53
C GLU A 247 17.24 -28.82 14.46
N ARG A 248 18.17 -28.16 15.14
CA ARG A 248 17.84 -27.04 16.01
C ARG A 248 17.88 -25.71 15.26
N VAL A 249 18.90 -25.51 14.42
CA VAL A 249 19.01 -24.29 13.64
C VAL A 249 17.89 -24.18 12.60
N ALA A 250 17.32 -25.31 12.19
CA ALA A 250 16.28 -25.28 11.17
C ALA A 250 15.05 -24.51 11.65
N LYS A 251 14.62 -24.75 12.88
CA LYS A 251 13.45 -24.05 13.41
C LYS A 251 13.69 -22.56 13.49
N ARG A 252 14.88 -22.15 13.96
CA ARG A 252 15.21 -20.74 14.04
C ARG A 252 15.23 -20.11 12.65
N GLU A 253 15.80 -20.81 11.66
CA GLU A 253 15.82 -20.28 10.30
C GLU A 253 14.41 -20.11 9.75
N ARG A 254 13.56 -21.10 9.99
CA ARG A 254 12.18 -21.04 9.52
C ARG A 254 11.44 -19.87 10.16
N LYS A 255 11.65 -19.68 11.46
CA LYS A 255 11.01 -18.60 12.20
C LYS A 255 11.47 -17.23 11.72
N ALA A 256 12.77 -17.10 11.47
CA ALA A 256 13.32 -15.82 11.01
C ALA A 256 12.98 -15.53 9.55
N ALA A 257 12.72 -16.57 8.75
CA ALA A 257 12.42 -16.35 7.35
C ALA A 257 10.94 -16.10 7.08
N LYS A 258 10.05 -16.76 7.83
CA LYS A 258 8.62 -16.63 7.57
C LYS A 258 8.13 -15.21 7.82
N THR A 259 8.61 -14.57 8.90
CA THR A 259 8.13 -13.24 9.23
C THR A 259 8.45 -12.24 8.13
N LEU A 260 9.66 -12.31 7.57
CA LEU A 260 10.03 -11.40 6.49
C LEU A 260 9.35 -11.79 5.18
N GLY A 261 9.22 -13.09 4.91
CA GLY A 261 8.61 -13.53 3.68
C GLY A 261 7.15 -13.16 3.58
N ILE A 262 6.44 -13.16 4.71
CA ILE A 262 5.03 -12.78 4.69
C ILE A 262 4.87 -11.35 4.18
N ALA A 263 5.64 -10.42 4.76
CA ALA A 263 5.57 -9.03 4.31
C ALA A 263 6.04 -8.87 2.88
N MET A 264 7.12 -9.57 2.50
CA MET A 264 7.63 -9.46 1.14
C MET A 264 6.59 -9.90 0.12
N ALA A 265 5.95 -11.05 0.37
CA ALA A 265 4.92 -11.53 -0.54
C ALA A 265 3.73 -10.60 -0.57
N ALA A 266 3.25 -10.18 0.61
CA ALA A 266 2.07 -9.33 0.68
C ALA A 266 2.29 -8.00 -0.04
N PHE A 267 3.53 -7.52 -0.09
CA PHE A 267 3.81 -6.31 -0.83
C PHE A 267 3.96 -6.57 -2.33
N LEU A 268 4.75 -7.60 -2.68
CA LEU A 268 5.08 -7.81 -4.09
C LEU A 268 3.87 -8.27 -4.90
N VAL A 269 3.16 -9.30 -4.42
CA VAL A 269 2.04 -9.84 -5.19
C VAL A 269 0.90 -8.84 -5.33
N SER A 270 0.91 -7.78 -4.52
CA SER A 270 -0.09 -6.72 -4.62
C SER A 270 0.36 -5.56 -5.49
N TRP A 271 1.65 -5.20 -5.45
CA TRP A 271 2.08 -4.03 -6.19
C TRP A 271 2.58 -4.33 -7.59
N LEU A 272 3.29 -5.45 -7.73
CA LEU A 272 3.89 -5.87 -8.99
C LEU A 272 2.93 -6.02 -10.17
N PRO A 273 1.80 -6.70 -9.95
CA PRO A 273 0.81 -6.94 -11.02
C PRO A 273 0.43 -5.67 -11.79
N TYR A 274 0.18 -4.58 -11.08
CA TYR A 274 -0.20 -3.33 -11.73
C TYR A 274 0.93 -2.62 -12.50
N ILE A 275 2.07 -2.45 -11.86
CA ILE A 275 3.19 -1.76 -12.51
C ILE A 275 3.56 -2.46 -13.80
N ILE A 276 3.56 -3.80 -13.79
CA ILE A 276 3.87 -4.54 -15.01
C ILE A 276 2.87 -4.19 -16.11
N ASP A 277 1.58 -4.19 -15.77
CA ASP A 277 0.55 -3.87 -16.75
C ASP A 277 0.71 -2.44 -17.25
N ALA A 278 0.98 -1.51 -16.34
CA ALA A 278 1.11 -0.11 -16.74
C ALA A 278 2.29 0.10 -17.67
N VAL A 279 3.41 -0.55 -17.38
CA VAL A 279 4.60 -0.40 -18.21
C VAL A 279 4.41 -1.02 -19.59
N ILE A 280 3.56 -2.03 -19.69
CA ILE A 280 3.27 -2.69 -20.97
C ILE A 280 2.23 -2.14 -21.98
N ASP A 281 1.41 -1.18 -21.58
CA ASP A 281 0.38 -0.63 -22.47
C ASP A 281 0.79 0.73 -23.00
N ALA A 282 1.78 1.34 -22.38
CA ALA A 282 2.25 2.65 -22.79
C ALA A 282 3.15 2.55 -24.03
N TYR A 283 4.13 1.67 -23.98
CA TYR A 283 5.01 1.46 -25.12
C TYR A 283 4.25 0.60 -26.14
N MET A 284 3.40 -0.28 -25.62
CA MET A 284 2.55 -1.12 -26.43
C MET A 284 1.37 -0.26 -26.88
N ASN A 285 0.69 -0.63 -27.96
CA ASN A 285 -0.41 0.21 -28.44
C ASN A 285 -1.77 0.03 -27.75
N PHE A 286 -1.80 0.24 -26.43
CA PHE A 286 -3.02 0.19 -25.63
C PHE A 286 -3.93 -1.04 -25.72
N ILE A 287 -3.36 -2.23 -25.72
CA ILE A 287 -4.19 -3.42 -25.77
C ILE A 287 -4.37 -3.98 -24.37
N THR A 288 -5.58 -3.79 -23.82
CA THR A 288 -5.94 -4.24 -22.48
C THR A 288 -7.44 -4.01 -22.22
N PRO A 289 -8.22 -5.09 -22.19
CA PRO A 289 -9.66 -5.00 -21.94
C PRO A 289 -9.97 -4.29 -20.63
N ALA A 290 -10.97 -3.43 -20.62
CA ALA A 290 -11.30 -2.70 -19.40
C ALA A 290 -11.87 -3.58 -18.30
N TYR A 291 -12.19 -4.84 -18.58
CA TYR A 291 -12.79 -5.69 -17.55
C TYR A 291 -11.76 -6.34 -16.63
N VAL A 292 -10.49 -6.13 -16.94
CA VAL A 292 -9.39 -6.67 -16.15
C VAL A 292 -8.59 -5.57 -15.47
N TYR A 293 -8.52 -4.40 -16.11
CA TYR A 293 -7.77 -3.29 -15.54
C TYR A 293 -8.31 -2.89 -14.19
N GLU A 294 -9.64 -2.87 -14.05
CA GLU A 294 -10.25 -2.59 -12.76
C GLU A 294 -9.89 -3.66 -11.73
N ILE A 295 -9.85 -4.92 -12.16
CA ILE A 295 -9.47 -6.01 -11.25
C ILE A 295 -8.04 -5.82 -10.77
N LEU A 296 -7.15 -5.47 -11.71
CA LEU A 296 -5.74 -5.26 -11.42
C LEU A 296 -5.51 -4.13 -10.45
N VAL A 297 -6.27 -3.05 -10.60
CA VAL A 297 -6.13 -1.89 -9.72
C VAL A 297 -6.45 -2.26 -8.28
N TRP A 298 -7.49 -3.09 -8.12
CA TRP A 298 -7.91 -3.53 -6.81
C TRP A 298 -6.79 -4.32 -6.15
N CYS A 299 -5.91 -4.92 -6.95
CA CYS A 299 -4.77 -5.63 -6.40
C CYS A 299 -3.89 -4.61 -5.67
N VAL A 300 -3.67 -3.43 -6.21
CA VAL A 300 -2.85 -2.47 -5.45
C VAL A 300 -3.62 -1.94 -4.25
N TYR A 301 -4.91 -1.72 -4.41
CA TYR A 301 -5.75 -1.16 -3.36
C TYR A 301 -5.80 -1.99 -2.10
N TYR A 302 -6.01 -3.28 -2.33
CA TYR A 302 -6.19 -4.33 -1.33
C TYR A 302 -5.02 -4.47 -0.40
N ASN A 303 -3.86 -4.06 -0.87
CA ASN A 303 -2.65 -4.09 -0.09
C ASN A 303 -2.98 -3.24 1.09
N SER A 304 -3.98 -2.38 0.94
CA SER A 304 -4.42 -1.51 2.03
C SER A 304 -5.09 -2.30 3.15
N ALA A 305 -5.88 -3.31 2.81
CA ALA A 305 -6.57 -4.08 3.84
C ALA A 305 -5.60 -4.97 4.61
N MET A 306 -4.48 -5.35 4.00
CA MET A 306 -3.53 -6.25 4.64
C MET A 306 -2.39 -5.54 5.35
N ASN A 307 -2.14 -4.27 5.03
CA ASN A 307 -1.03 -3.56 5.67
C ASN A 307 -1.19 -3.45 7.19
N PRO A 308 -2.33 -3.01 7.74
CA PRO A 308 -2.41 -2.94 9.21
C PRO A 308 -2.44 -4.30 9.86
N LEU A 309 -3.12 -5.27 9.25
CA LEU A 309 -3.20 -6.61 9.83
C LEU A 309 -1.83 -7.29 9.90
N ILE A 310 -0.87 -6.83 9.11
CA ILE A 310 0.47 -7.40 9.11
C ILE A 310 1.43 -6.58 9.98
N TYR A 311 1.39 -5.26 9.88
CA TYR A 311 2.35 -4.43 10.60
C TYR A 311 1.91 -4.08 12.02
N ALA A 312 0.66 -4.36 12.39
CA ALA A 312 0.18 -4.03 13.73
C ALA A 312 -0.28 -5.26 14.50
N PHE A 313 -1.18 -6.05 13.94
CA PHE A 313 -1.80 -7.15 14.67
C PHE A 313 -0.89 -8.36 14.83
N PHE A 314 0.24 -8.41 14.11
CA PHE A 314 1.12 -9.57 14.18
C PHE A 314 1.91 -9.63 15.47
N TYR A 315 1.88 -8.58 16.30
CA TYR A 315 2.65 -8.53 17.52
C TYR A 315 1.74 -8.65 18.76
N PRO A 316 2.27 -9.24 19.85
CA PRO A 316 1.59 -9.46 21.14
C PRO A 316 1.10 -8.12 21.65
N TRP A 317 1.98 -7.15 21.83
CA TRP A 317 1.56 -5.85 22.39
C TRP A 317 0.36 -5.19 21.72
N PHE A 318 0.36 -5.11 20.40
CA PHE A 318 -0.79 -4.54 19.69
C PHE A 318 -2.02 -5.41 19.91
N ARG A 319 -1.84 -6.73 19.89
CA ARG A 319 -2.95 -7.66 20.08
C ARG A 319 -3.61 -7.59 21.46
N LYS A 320 -2.89 -7.09 22.46
CA LYS A 320 -3.44 -6.94 23.80
C LYS A 320 -4.23 -5.63 23.87
N ALA A 321 -3.65 -4.55 23.35
CA ALA A 321 -4.32 -3.27 23.33
C ALA A 321 -5.61 -3.32 22.52
N ILE A 322 -5.57 -4.00 21.36
CA ILE A 322 -6.77 -4.13 20.55
C ILE A 322 -7.85 -4.91 21.31
N LYS A 323 -7.44 -5.96 22.03
CA LYS A 323 -8.40 -6.73 22.82
C LYS A 323 -9.01 -5.88 23.92
N LEU A 324 -8.19 -5.04 24.58
CA LEU A 324 -8.73 -4.17 25.63
C LEU A 324 -9.68 -3.13 25.06
N ILE A 325 -9.36 -2.57 23.90
CA ILE A 325 -10.23 -1.54 23.32
C ILE A 325 -11.58 -2.12 22.96
N VAL A 326 -11.61 -3.32 22.38
CA VAL A 326 -12.87 -3.96 22.00
C VAL A 326 -13.74 -4.19 23.24
N SER A 327 -13.13 -4.57 24.35
CA SER A 327 -13.87 -4.78 25.58
C SER A 327 -14.34 -3.44 26.15
N GLY A 328 -14.98 -3.50 27.32
CA GLY A 328 -15.53 -2.29 27.91
C GLY A 328 -14.46 -1.28 28.27
N LYS A 329 -13.36 -1.74 28.85
CA LYS A 329 -12.29 -0.85 29.28
C LYS A 329 -11.51 -0.29 28.08
N1 SPD B . -4.75 6.74 -11.06
C2 SPD B . -4.03 5.79 -10.24
C3 SPD B . -2.55 6.13 -10.23
C4 SPD B . -1.69 4.88 -10.32
C5 SPD B . -1.14 4.49 -8.95
N6 SPD B . -1.44 3.11 -8.62
C7 SPD B . -2.45 2.80 -7.63
C8 SPD B . -3.58 1.96 -8.22
C9 SPD B . -4.26 2.67 -9.37
N10 SPD B . -5.15 3.69 -8.86
#